data_3G5Y
#
_entry.id   3G5Y
#
_cell.length_a   83.176
_cell.length_b   69.267
_cell.length_c   71.477
_cell.angle_alpha   90.00
_cell.angle_beta   90.00
_cell.angle_gamma   90.00
#
_symmetry.space_group_name_H-M   'P 21 21 2'
#
loop_
_entity.id
_entity.type
_entity.pdbx_description
1 polymer '175 light chain'
2 polymer '175 heavy chain'
3 polymer 'EGFR peptide'
4 water water
#
loop_
_entity_poly.entity_id
_entity_poly.type
_entity_poly.pdbx_seq_one_letter_code
_entity_poly.pdbx_strand_id
1 'polypeptide(L)'
;DILMTQSPVSMSLSLGDTVSITCHSSQDISSNIGWLQQAPGKSFKGLIYHGTNLEDGVPGRFSGSGSGADYSLTISSLSS
EDFVDYYCVQYGQFPWTFGGGTSLEIKRADAAPTVSIFPPSTEQLTSGGASVVCFLNNFYPKDINVKWKIDGSERQNGVL
NSWTDQDSKDSTYSMSSTLTLTKDEYERHNSYTCEATHKTSSTPIVKSFNRNE
;
A
2 'polypeptide(L)'
;DVQLQESGPALVKPSQSLSLTCTVTGYSITSDYAWNWIRQFPGNKLEWMGYISYSANTRYNPSLKSRISITRDTSKNQFF
LQLNSVTVEDTATYYCATAGRGFPYWGQGTLVTVSAAKTTAPSVYPLAPVCGDTTGSSVTLGCLVKGYFPEPVTLTWNSG
SLSSGVHTFPAVLQSDLYTLSSSVTVTSSTWPSQSITCNVAHPASSTKVDKKIEPR
;
B
3 'polypeptide(L)' CGADSYEMEEDGVRKC E
#
# COMPACT_ATOMS: atom_id res chain seq x y z
N ASP A 1 -11.59 25.35 3.38
CA ASP A 1 -10.23 24.76 3.16
C ASP A 1 -9.83 24.90 1.71
N ILE A 2 -8.54 24.82 1.41
CA ILE A 2 -8.11 24.92 0.01
C ILE A 2 -8.18 23.54 -0.66
N LEU A 3 -8.88 23.47 -1.80
CA LEU A 3 -8.99 22.24 -2.59
C LEU A 3 -7.82 22.17 -3.56
N MET A 4 -7.09 21.06 -3.54
CA MET A 4 -6.01 20.82 -4.49
C MET A 4 -6.46 19.77 -5.49
N THR A 5 -6.60 20.17 -6.74
CA THR A 5 -7.04 19.27 -7.79
C THR A 5 -5.80 18.92 -8.59
N GLN A 6 -5.41 17.64 -8.56
CA GLN A 6 -4.20 17.14 -9.19
C GLN A 6 -4.51 16.29 -10.41
N SER A 7 -3.83 16.54 -11.54
CA SER A 7 -4.01 15.82 -12.81
C SER A 7 -2.68 15.43 -13.43
N PRO A 8 -2.65 14.33 -14.21
CA PRO A 8 -3.75 13.33 -14.39
C PRO A 8 -3.75 12.39 -13.19
N VAL A 9 -4.79 11.55 -13.03
CA VAL A 9 -4.80 10.59 -11.92
C VAL A 9 -3.81 9.46 -12.14
N SER A 10 -3.63 9.07 -13.40
CA SER A 10 -2.67 8.01 -13.76
C SER A 10 -2.17 8.27 -15.17
N MET A 11 -0.96 7.80 -15.46
CA MET A 11 -0.43 7.92 -16.81
C MET A 11 0.47 6.72 -17.11
N SER A 12 0.37 6.23 -18.34
CA SER A 12 1.22 5.17 -18.85
C SER A 12 2.20 5.77 -19.86
N LEU A 13 3.50 5.58 -19.64
CA LEU A 13 4.51 6.21 -20.47
C LEU A 13 5.71 5.30 -20.70
N SER A 14 6.56 5.70 -21.63
CA SER A 14 7.78 4.97 -21.91
C SER A 14 8.96 5.62 -21.21
N LEU A 15 10.01 4.85 -20.99
CA LEU A 15 11.33 5.37 -20.64
C LEU A 15 11.78 6.50 -21.60
N GLY A 16 12.32 7.58 -21.05
CA GLY A 16 12.77 8.73 -21.85
C GLY A 16 11.69 9.75 -22.17
N ASP A 17 10.44 9.43 -21.83
CA ASP A 17 9.32 10.36 -22.03
C ASP A 17 9.41 11.53 -21.04
N THR A 18 8.73 12.63 -21.37
CA THR A 18 8.58 13.81 -20.50
C THR A 18 7.11 13.94 -20.12
N VAL A 19 6.86 14.16 -18.84
CA VAL A 19 5.51 14.29 -18.32
C VAL A 19 5.41 15.50 -17.40
N SER A 20 4.25 16.15 -17.41
CA SER A 20 3.92 17.18 -16.40
C SER A 20 2.74 16.72 -15.54
N ILE A 21 2.90 16.84 -14.25
CA ILE A 21 1.77 16.60 -13.35
C ILE A 21 1.38 17.99 -12.87
N THR A 22 0.08 18.27 -12.82
CA THR A 22 -0.35 19.60 -12.47
C THR A 22 -1.16 19.58 -11.19
N CYS A 23 -1.06 20.67 -10.41
CA CYS A 23 -2.01 20.86 -9.32
C CYS A 23 -2.66 22.23 -9.44
N HIS A 24 -3.98 22.25 -9.34
CA HIS A 24 -4.71 23.49 -9.26
C HIS A 24 -5.26 23.68 -7.84
N SER A 25 -4.99 24.83 -7.23
CA SER A 25 -5.58 25.16 -5.93
C SER A 25 -6.82 26.08 -6.05
N SER A 26 -7.80 25.88 -5.18
CA SER A 26 -9.09 26.60 -5.17
C SER A 26 -8.99 28.03 -4.69
N GLN A 27 -7.83 28.36 -4.09
CA GLN A 27 -7.38 29.70 -3.73
C GLN A 27 -5.89 29.82 -4.04
N ASP A 28 -5.45 31.05 -4.25
CA ASP A 28 -4.03 31.40 -4.38
C ASP A 28 -3.18 30.95 -3.19
N ILE A 29 -2.07 30.26 -3.46
CA ILE A 29 -1.24 29.76 -2.38
C ILE A 29 0.17 30.35 -2.36
N SER A 30 0.45 31.27 -3.29
CA SER A 30 1.67 32.07 -3.27
C SER A 30 2.93 31.18 -3.26
N SER A 31 2.89 30.09 -4.06
CA SER A 31 4.03 29.18 -4.22
C SER A 31 4.30 28.28 -3.02
N ASN A 32 3.41 28.27 -2.05
CA ASN A 32 3.56 27.43 -0.88
C ASN A 32 3.02 26.02 -1.19
N ILE A 33 3.73 25.35 -2.10
CA ILE A 33 3.39 24.00 -2.52
C ILE A 33 4.67 23.13 -2.51
N GLY A 34 4.51 21.88 -2.08
CA GLY A 34 5.53 20.85 -2.24
C GLY A 34 5.08 19.70 -3.11
N TRP A 35 6.06 18.98 -3.65
CA TRP A 35 5.79 17.76 -4.38
C TRP A 35 6.45 16.60 -3.66
N LEU A 36 5.71 15.51 -3.49
CA LEU A 36 6.15 14.32 -2.77
C LEU A 36 6.14 13.15 -3.70
N GLN A 37 7.09 12.25 -3.52
CA GLN A 37 7.12 11.02 -4.26
C GLN A 37 6.87 9.84 -3.30
N GLN A 38 6.10 8.83 -3.75
CA GLN A 38 5.79 7.64 -2.96
C GLN A 38 5.90 6.35 -3.80
N ALA A 39 6.80 5.44 -3.41
CA ALA A 39 6.78 4.09 -4.01
C ALA A 39 5.54 3.41 -3.44
N PRO A 40 4.68 2.83 -4.31
CA PRO A 40 3.47 2.14 -3.81
C PRO A 40 3.75 1.11 -2.71
N GLY A 41 2.94 1.17 -1.64
CA GLY A 41 3.14 0.28 -0.48
C GLY A 41 4.19 0.79 0.51
N LYS A 42 4.86 1.88 0.16
CA LYS A 42 5.90 2.45 1.01
C LYS A 42 5.57 3.89 1.41
N SER A 43 6.57 4.65 1.80
CA SER A 43 6.35 5.98 2.34
C SER A 43 6.85 7.09 1.39
N PHE A 44 7.05 8.30 1.91
CA PHE A 44 7.20 9.50 1.08
C PHE A 44 8.60 10.09 1.09
N LYS A 45 8.91 10.82 0.02
CA LYS A 45 10.14 11.56 -0.08
C LYS A 45 9.76 12.95 -0.57
N GLY A 46 10.29 13.98 0.08
CA GLY A 46 10.10 15.34 -0.43
C GLY A 46 10.90 15.58 -1.68
N LEU A 47 10.27 16.04 -2.76
CA LEU A 47 11.01 16.35 -4.01
C LEU A 47 11.29 17.83 -4.23
N ILE A 48 10.27 18.66 -4.02
CA ILE A 48 10.32 20.09 -4.30
C ILE A 48 9.55 20.87 -3.23
N TYR A 49 10.06 22.06 -2.88
CA TYR A 49 9.31 22.94 -1.99
C TYR A 49 9.31 24.36 -2.55
N HIS A 50 8.39 25.18 -2.05
CA HIS A 50 8.13 26.54 -2.53
C HIS A 50 7.95 26.52 -4.06
N GLY A 51 7.23 25.51 -4.54
CA GLY A 51 6.91 25.34 -5.95
C GLY A 51 8.00 24.90 -6.92
N THR A 52 9.25 25.28 -6.66
CA THR A 52 10.30 25.16 -7.68
C THR A 52 11.66 24.63 -7.16
N ASN A 53 11.90 24.72 -5.86
CA ASN A 53 13.21 24.39 -5.30
C ASN A 53 13.42 22.93 -5.11
N LEU A 54 14.48 22.39 -5.71
CA LEU A 54 14.80 20.98 -5.51
C LEU A 54 15.36 20.70 -4.12
N GLU A 55 14.88 19.62 -3.50
CA GLU A 55 15.49 19.12 -2.28
C GLU A 55 16.88 18.53 -2.58
N ASP A 56 17.72 18.40 -1.56
CA ASP A 56 19.07 17.82 -1.68
C ASP A 56 19.05 16.49 -2.39
N GLY A 57 19.85 16.37 -3.45
CA GLY A 57 20.01 15.10 -4.15
C GLY A 57 18.83 14.65 -4.99
N VAL A 58 17.99 15.60 -5.41
CA VAL A 58 16.95 15.35 -6.41
C VAL A 58 17.55 15.79 -7.77
N PRO A 59 17.55 14.90 -8.78
CA PRO A 59 18.15 15.18 -10.10
C PRO A 59 17.53 16.35 -10.84
N GLY A 60 18.30 16.95 -11.75
CA GLY A 60 17.87 18.11 -12.55
C GLY A 60 16.75 17.83 -13.53
N ARG A 61 16.44 16.56 -13.76
CA ARG A 61 15.26 16.21 -14.58
C ARG A 61 13.89 16.53 -13.95
N PHE A 62 13.87 16.70 -12.62
CA PHE A 62 12.68 17.16 -11.91
C PHE A 62 12.68 18.67 -11.87
N SER A 63 11.59 19.27 -12.34
CA SER A 63 11.45 20.70 -12.22
C SER A 63 10.06 21.06 -11.75
N GLY A 64 9.95 22.23 -11.11
CA GLY A 64 8.66 22.74 -10.74
C GLY A 64 8.37 24.07 -11.39
N SER A 65 7.13 24.30 -11.82
CA SER A 65 6.77 25.62 -12.32
C SER A 65 5.38 26.03 -11.81
N GLY A 66 4.99 27.28 -12.01
CA GLY A 66 3.68 27.73 -11.60
C GLY A 66 3.76 28.91 -10.65
N SER A 67 2.61 29.54 -10.44
CA SER A 67 2.45 30.66 -9.52
C SER A 67 0.94 30.79 -9.25
N GLY A 68 0.59 31.56 -8.22
CA GLY A 68 -0.81 31.78 -7.90
C GLY A 68 -1.51 30.50 -7.48
N ALA A 69 -2.30 29.92 -8.41
CA ALA A 69 -3.17 28.78 -8.13
C ALA A 69 -2.90 27.57 -9.03
N ASP A 70 -1.88 27.66 -9.88
CA ASP A 70 -1.63 26.61 -10.88
C ASP A 70 -0.14 26.30 -10.90
N TYR A 71 0.18 25.02 -10.71
CA TYR A 71 1.56 24.54 -10.56
C TYR A 71 1.69 23.22 -11.26
N SER A 72 2.92 22.91 -11.69
CA SER A 72 3.24 21.70 -12.38
C SER A 72 4.54 21.12 -11.90
N LEU A 73 4.57 19.80 -11.76
CA LEU A 73 5.81 19.04 -11.59
C LEU A 73 6.13 18.43 -12.94
N THR A 74 7.32 18.68 -13.46
CA THR A 74 7.72 18.09 -14.75
C THR A 74 8.89 17.17 -14.54
N ILE A 75 8.81 15.99 -15.14
CA ILE A 75 9.94 15.09 -15.14
C ILE A 75 10.36 14.93 -16.61
N SER A 76 11.50 15.49 -16.96
CA SER A 76 12.03 15.44 -18.34
C SER A 76 12.86 14.17 -18.44
N SER A 77 12.64 13.37 -19.48
CA SER A 77 13.39 12.14 -19.71
C SER A 77 13.25 11.12 -18.57
N LEU A 78 12.05 10.53 -18.44
CA LEU A 78 11.76 9.57 -17.36
C LEU A 78 12.72 8.40 -17.30
N SER A 79 13.20 8.10 -16.10
CA SER A 79 14.00 6.91 -15.81
C SER A 79 13.16 5.83 -15.14
N SER A 80 13.67 4.60 -15.07
CA SER A 80 12.91 3.48 -14.52
C SER A 80 12.41 3.73 -13.08
N GLU A 81 13.28 4.28 -12.26
CA GLU A 81 12.93 4.51 -10.87
C GLU A 81 11.82 5.57 -10.69
N ASP A 82 11.54 6.35 -11.73
CA ASP A 82 10.55 7.43 -11.63
C ASP A 82 9.08 7.00 -11.73
N PHE A 83 8.85 5.74 -12.10
CA PHE A 83 7.47 5.29 -12.34
C PHE A 83 6.78 4.86 -11.05
N VAL A 84 6.44 5.88 -10.24
CA VAL A 84 5.90 5.70 -8.90
C VAL A 84 4.76 6.71 -8.72
N ASP A 85 4.34 6.94 -7.46
CA ASP A 85 3.27 7.89 -7.17
C ASP A 85 3.81 9.25 -6.74
N TYR A 86 3.01 10.27 -7.02
CA TYR A 86 3.38 11.69 -6.77
C TYR A 86 2.17 12.41 -6.18
N TYR A 87 2.43 13.34 -5.25
CA TYR A 87 1.36 14.12 -4.61
C TYR A 87 1.82 15.54 -4.42
N CYS A 88 0.93 16.50 -4.62
CA CYS A 88 1.24 17.89 -4.22
C CYS A 88 0.64 18.19 -2.84
N VAL A 89 1.21 19.18 -2.16
CA VAL A 89 0.75 19.56 -0.82
C VAL A 89 0.81 21.08 -0.72
N GLN A 90 -0.26 21.73 -0.26
CA GLN A 90 -0.19 23.19 -0.04
C GLN A 90 -0.03 23.46 1.42
N TYR A 91 0.90 24.36 1.77
CA TYR A 91 1.05 24.83 3.14
C TYR A 91 0.89 26.36 3.23
N GLY A 92 0.07 26.92 2.34
CA GLY A 92 -0.14 28.37 2.27
C GLY A 92 -1.22 28.87 3.22
N GLN A 93 -2.17 27.99 3.51
CA GLN A 93 -3.25 28.23 4.44
C GLN A 93 -3.47 26.98 5.27
N PHE A 94 -3.79 27.18 6.54
CA PHE A 94 -4.30 26.12 7.38
C PHE A 94 -5.82 25.89 7.19
N PRO A 95 -6.23 24.64 7.16
CA PRO A 95 -5.38 23.47 7.25
C PRO A 95 -4.64 23.12 5.95
N TRP A 96 -3.43 22.58 6.08
CA TRP A 96 -2.69 22.12 4.92
C TRP A 96 -3.44 20.98 4.23
N THR A 97 -3.40 20.99 2.91
CA THR A 97 -4.14 20.03 2.10
C THR A 97 -3.33 19.44 0.94
N PHE A 98 -3.78 18.27 0.48
CA PHE A 98 -3.09 17.47 -0.55
C PHE A 98 -3.88 17.28 -1.85
N GLY A 99 -3.13 17.16 -2.95
CA GLY A 99 -3.67 16.64 -4.19
C GLY A 99 -3.97 15.14 -4.07
N GLY A 100 -4.84 14.68 -4.96
CA GLY A 100 -5.36 13.31 -4.90
C GLY A 100 -4.41 12.22 -5.40
N GLY A 101 -3.25 12.64 -5.90
CA GLY A 101 -2.22 11.75 -6.42
C GLY A 101 -2.20 11.44 -7.92
N THR A 102 -1.03 11.02 -8.37
CA THR A 102 -0.82 10.59 -9.75
C THR A 102 0.04 9.34 -9.70
N SER A 103 -0.42 8.32 -10.42
CA SER A 103 0.30 7.07 -10.54
C SER A 103 0.94 7.00 -11.93
N LEU A 104 2.25 6.79 -11.97
CA LEU A 104 2.93 6.61 -13.24
C LEU A 104 3.33 5.15 -13.45
N GLU A 105 3.01 4.62 -14.62
CA GLU A 105 3.28 3.23 -14.93
C GLU A 105 4.04 3.19 -16.23
N ILE A 106 4.92 2.20 -16.36
CA ILE A 106 5.83 2.16 -17.49
C ILE A 106 5.27 1.22 -18.54
N LYS A 107 5.31 1.62 -19.82
CA LYS A 107 4.90 0.74 -20.96
C LYS A 107 5.90 -0.36 -21.21
N ARG A 108 5.41 -1.46 -21.76
CA ARG A 108 6.14 -2.70 -21.81
C ARG A 108 5.47 -3.54 -22.90
N ALA A 109 6.17 -4.55 -23.42
CA ALA A 109 5.54 -5.44 -24.40
C ALA A 109 4.47 -6.34 -23.75
N ASP A 110 3.45 -6.73 -24.51
CA ASP A 110 2.39 -7.62 -24.01
C ASP A 110 2.98 -8.93 -23.48
N ALA A 111 2.43 -9.46 -22.39
CA ALA A 111 2.80 -10.78 -21.90
C ALA A 111 1.57 -11.46 -21.37
N ALA A 112 1.38 -12.72 -21.75
CA ALA A 112 0.29 -13.54 -21.26
C ALA A 112 0.52 -14.00 -19.81
N PRO A 113 -0.59 -14.14 -19.05
CA PRO A 113 -0.48 -14.60 -17.68
C PRO A 113 -0.02 -16.06 -17.63
N THR A 114 0.72 -16.42 -16.58
CA THR A 114 1.04 -17.82 -16.23
C THR A 114 0.02 -18.16 -15.17
N VAL A 115 -0.85 -19.14 -15.46
CA VAL A 115 -1.99 -19.46 -14.63
C VAL A 115 -1.73 -20.76 -13.87
N SER A 116 -1.94 -20.74 -12.55
CA SER A 116 -1.78 -21.93 -11.67
C SER A 116 -3.01 -22.08 -10.78
N ILE A 117 -3.48 -23.34 -10.61
CA ILE A 117 -4.69 -23.64 -9.82
C ILE A 117 -4.32 -24.60 -8.68
N PHE A 118 -4.96 -24.45 -7.52
CA PHE A 118 -4.63 -25.21 -6.30
C PHE A 118 -5.91 -25.67 -5.59
N PRO A 119 -5.98 -26.96 -5.32
CA PRO A 119 -7.06 -27.57 -4.52
C PRO A 119 -6.99 -27.16 -3.04
N PRO A 120 -8.09 -27.37 -2.29
CA PRO A 120 -7.98 -27.15 -0.86
C PRO A 120 -7.00 -28.15 -0.22
N SER A 121 -6.35 -27.66 0.82
CA SER A 121 -5.46 -28.44 1.66
C SER A 121 -6.33 -29.31 2.54
N THR A 122 -5.79 -30.47 2.92
CA THR A 122 -6.46 -31.36 3.89
C THR A 122 -6.68 -30.63 5.23
N GLU A 123 -5.73 -29.75 5.61
CA GLU A 123 -5.85 -28.96 6.86
C GLU A 123 -7.13 -28.12 6.83
N GLN A 124 -7.38 -27.45 5.72
CA GLN A 124 -8.57 -26.58 5.63
C GLN A 124 -9.84 -27.37 5.70
N LEU A 125 -9.85 -28.52 5.04
CA LEU A 125 -11.00 -29.39 5.02
C LEU A 125 -11.45 -29.84 6.43
N THR A 126 -10.55 -29.96 7.41
CA THR A 126 -10.99 -30.23 8.81
C THR A 126 -11.90 -29.14 9.43
N SER A 127 -11.82 -27.92 8.88
CA SER A 127 -12.62 -26.76 9.35
C SER A 127 -14.03 -26.65 8.75
N GLY A 128 -14.39 -27.48 7.77
CA GLY A 128 -15.72 -27.38 7.16
C GLY A 128 -15.80 -26.42 5.97
N GLY A 129 -14.66 -25.83 5.59
CA GLY A 129 -14.59 -24.98 4.43
C GLY A 129 -13.59 -25.50 3.44
N ALA A 130 -13.71 -25.04 2.20
CA ALA A 130 -12.80 -25.43 1.09
C ALA A 130 -12.49 -24.24 0.17
N SER A 131 -11.21 -23.91 0.02
CA SER A 131 -10.81 -22.81 -0.90
C SER A 131 -10.01 -23.37 -2.08
N VAL A 132 -10.29 -22.84 -3.26
CA VAL A 132 -9.60 -23.18 -4.50
C VAL A 132 -8.95 -21.88 -4.93
N VAL A 133 -7.64 -21.93 -5.22
CA VAL A 133 -6.86 -20.73 -5.47
C VAL A 133 -6.33 -20.80 -6.88
N CYS A 134 -6.42 -19.66 -7.57
CA CYS A 134 -5.81 -19.46 -8.86
C CYS A 134 -4.93 -18.19 -8.88
N PHE A 135 -3.66 -18.29 -9.32
CA PHE A 135 -2.79 -17.16 -9.58
C PHE A 135 -2.72 -16.93 -11.09
N LEU A 136 -2.93 -15.70 -11.50
CA LEU A 136 -2.65 -15.23 -12.89
C LEU A 136 -1.42 -14.31 -12.81
N ASN A 137 -0.24 -14.86 -13.12
CA ASN A 137 0.99 -14.10 -12.82
C ASN A 137 1.72 -13.59 -14.03
N ASN A 138 2.37 -12.44 -13.80
CA ASN A 138 3.30 -11.79 -14.72
C ASN A 138 2.76 -11.49 -16.11
N PHE A 139 1.64 -10.78 -16.12
CA PHE A 139 1.01 -10.37 -17.36
C PHE A 139 1.10 -8.85 -17.60
N TYR A 140 0.97 -8.48 -18.86
CA TYR A 140 0.91 -7.08 -19.33
C TYR A 140 0.10 -7.05 -20.64
N PRO A 141 -0.81 -6.08 -20.80
CA PRO A 141 -1.14 -4.98 -19.89
C PRO A 141 -2.02 -5.40 -18.71
N LYS A 142 -2.34 -4.43 -17.85
CA LYS A 142 -3.00 -4.61 -16.57
C LYS A 142 -4.41 -5.24 -16.63
N ASP A 143 -5.15 -4.95 -17.70
CA ASP A 143 -6.54 -5.41 -17.81
C ASP A 143 -6.64 -6.91 -18.02
N ILE A 144 -7.33 -7.57 -17.09
CA ILE A 144 -7.55 -9.01 -17.16
C ILE A 144 -8.86 -9.35 -16.50
N ASN A 145 -9.42 -10.50 -16.84
CA ASN A 145 -10.56 -10.99 -16.09
C ASN A 145 -10.34 -12.44 -15.76
N VAL A 146 -10.91 -12.83 -14.62
CA VAL A 146 -10.89 -14.19 -14.12
C VAL A 146 -12.33 -14.70 -13.97
N LYS A 147 -12.49 -15.99 -14.25
CA LYS A 147 -13.81 -16.61 -14.19
C LYS A 147 -13.67 -18.00 -13.60
N TRP A 148 -14.56 -18.33 -12.66
CA TRP A 148 -14.63 -19.66 -12.05
C TRP A 148 -15.77 -20.49 -12.58
N LYS A 149 -15.47 -21.75 -12.89
CA LYS A 149 -16.52 -22.78 -13.14
C LYS A 149 -16.43 -23.98 -12.21
N ILE A 150 -17.60 -24.37 -11.70
CA ILE A 150 -17.79 -25.54 -10.82
C ILE A 150 -18.67 -26.52 -11.57
N ASP A 151 -18.16 -27.72 -11.85
CA ASP A 151 -18.86 -28.58 -12.85
C ASP A 151 -19.41 -27.85 -14.11
N GLY A 152 -18.60 -26.97 -14.68
CA GLY A 152 -19.04 -26.28 -15.89
C GLY A 152 -19.82 -24.99 -15.69
N SER A 153 -20.34 -24.78 -14.49
CA SER A 153 -21.28 -23.69 -14.20
C SER A 153 -20.50 -22.49 -13.62
N GLU A 154 -20.66 -21.31 -14.21
CA GLU A 154 -20.01 -20.13 -13.69
C GLU A 154 -20.41 -19.84 -12.23
N ARG A 155 -19.41 -19.45 -11.43
CA ARG A 155 -19.59 -19.08 -10.04
C ARG A 155 -18.97 -17.68 -9.82
N GLN A 156 -19.86 -16.71 -9.56
CA GLN A 156 -19.48 -15.34 -9.25
C GLN A 156 -19.21 -15.15 -7.76
N ASN A 157 -20.18 -15.49 -6.93
CA ASN A 157 -20.13 -15.22 -5.49
C ASN A 157 -19.20 -16.11 -4.70
N GLY A 158 -18.67 -15.56 -3.61
CA GLY A 158 -17.82 -16.32 -2.70
C GLY A 158 -16.39 -16.35 -3.20
N VAL A 159 -16.08 -15.48 -4.15
CA VAL A 159 -14.71 -15.39 -4.63
C VAL A 159 -14.04 -14.08 -4.15
N LEU A 160 -12.78 -14.19 -3.72
CA LEU A 160 -11.98 -12.97 -3.41
C LEU A 160 -10.75 -12.79 -4.30
N ASN A 161 -10.65 -11.58 -4.82
CA ASN A 161 -9.65 -11.18 -5.79
C ASN A 161 -8.77 -10.05 -5.32
N SER A 162 -7.49 -10.21 -5.63
CA SER A 162 -6.49 -9.27 -5.22
C SER A 162 -5.47 -9.12 -6.36
N TRP A 163 -4.94 -7.91 -6.55
CA TRP A 163 -3.85 -7.73 -7.51
C TRP A 163 -2.66 -6.88 -7.03
N THR A 164 -1.51 -7.11 -7.65
CA THR A 164 -0.26 -6.45 -7.29
C THR A 164 -0.05 -5.12 -8.04
N ASP A 165 0.82 -4.29 -7.52
CA ASP A 165 1.34 -3.11 -8.22
C ASP A 165 2.28 -3.61 -9.32
N GLN A 166 2.55 -2.75 -10.30
CA GLN A 166 3.46 -3.10 -11.38
C GLN A 166 4.84 -3.57 -10.83
N ASP A 167 5.31 -4.72 -11.30
CA ASP A 167 6.56 -5.28 -10.81
C ASP A 167 7.81 -4.41 -11.13
N SER A 168 8.63 -4.15 -10.13
CA SER A 168 9.82 -3.33 -10.30
C SER A 168 10.88 -3.97 -11.21
N LYS A 169 10.82 -5.29 -11.42
CA LYS A 169 11.81 -5.96 -12.27
C LYS A 169 11.39 -6.24 -13.71
N ASP A 170 10.17 -6.75 -13.94
CA ASP A 170 9.75 -6.99 -15.32
C ASP A 170 8.52 -6.16 -15.77
N SER A 171 8.10 -5.21 -14.94
CA SER A 171 7.00 -4.29 -15.31
C SER A 171 5.63 -4.96 -15.57
N THR A 172 5.48 -6.17 -15.04
CA THR A 172 4.24 -6.92 -15.14
C THR A 172 3.30 -6.73 -13.92
N TYR A 173 2.11 -7.29 -14.08
CA TYR A 173 1.10 -7.42 -13.05
C TYR A 173 0.78 -8.87 -12.71
N SER A 174 0.24 -9.08 -11.52
CA SER A 174 -0.18 -10.39 -11.07
C SER A 174 -1.52 -10.30 -10.33
N MET A 175 -2.29 -11.38 -10.36
CA MET A 175 -3.61 -11.47 -9.72
C MET A 175 -3.80 -12.80 -9.01
N SER A 176 -4.39 -12.73 -7.82
CA SER A 176 -4.84 -13.92 -7.11
C SER A 176 -6.36 -13.91 -6.93
N SER A 177 -6.93 -15.08 -7.17
CA SER A 177 -8.36 -15.32 -7.05
C SER A 177 -8.62 -16.57 -6.20
N THR A 178 -9.36 -16.36 -5.12
CA THR A 178 -9.72 -17.46 -4.20
C THR A 178 -11.20 -17.72 -4.12
N LEU A 179 -11.60 -18.88 -4.60
CA LEU A 179 -12.99 -19.31 -4.45
C LEU A 179 -13.17 -20.11 -3.15
N THR A 180 -14.08 -19.70 -2.28
CA THR A 180 -14.36 -20.44 -1.04
C THR A 180 -15.78 -20.98 -1.01
N LEU A 181 -15.88 -22.28 -0.68
CA LEU A 181 -17.14 -23.00 -0.52
C LEU A 181 -17.10 -23.72 0.81
N THR A 182 -18.26 -24.17 1.30
CA THR A 182 -18.32 -25.16 2.40
C THR A 182 -17.70 -26.45 1.89
N LYS A 183 -17.09 -27.21 2.78
CA LYS A 183 -16.65 -28.58 2.45
C LYS A 183 -17.79 -29.42 1.82
N ASP A 184 -19.00 -29.35 2.36
CA ASP A 184 -20.14 -30.08 1.76
C ASP A 184 -20.37 -29.75 0.30
N GLU A 185 -20.42 -28.46 -0.04
CA GLU A 185 -20.62 -28.06 -1.43
C GLU A 185 -19.43 -28.45 -2.31
N TYR A 186 -18.23 -28.32 -1.76
CA TYR A 186 -17.04 -28.75 -2.48
C TYR A 186 -17.11 -30.22 -2.84
N GLU A 187 -17.53 -31.05 -1.89
CA GLU A 187 -17.58 -32.50 -2.11
C GLU A 187 -18.80 -33.00 -2.92
N ARG A 188 -19.69 -32.07 -3.32
CA ARG A 188 -20.83 -32.32 -4.20
C ARG A 188 -20.50 -32.23 -5.69
N HIS A 189 -19.28 -31.76 -6.02
CA HIS A 189 -18.91 -31.48 -7.41
C HIS A 189 -17.58 -32.06 -7.76
N ASN A 190 -17.28 -32.17 -9.05
CA ASN A 190 -16.08 -32.87 -9.50
C ASN A 190 -15.00 -31.95 -10.05
N SER A 191 -15.37 -31.09 -11.00
CA SER A 191 -14.35 -30.27 -11.61
C SER A 191 -14.34 -28.83 -11.14
N TYR A 192 -13.13 -28.28 -11.03
CA TYR A 192 -12.92 -26.87 -10.61
C TYR A 192 -12.03 -26.20 -11.64
N THR A 193 -12.54 -25.10 -12.22
CA THR A 193 -11.86 -24.46 -13.35
C THR A 193 -11.71 -22.96 -13.14
N CYS A 194 -10.47 -22.47 -13.37
CA CYS A 194 -10.07 -21.05 -13.41
C CYS A 194 -9.83 -20.68 -14.90
N GLU A 195 -10.46 -19.62 -15.43
CA GLU A 195 -10.21 -19.14 -16.80
C GLU A 195 -9.71 -17.70 -16.75
N ALA A 196 -8.55 -17.41 -17.36
CA ALA A 196 -7.98 -16.03 -17.44
C ALA A 196 -8.24 -15.49 -18.85
N THR A 197 -8.95 -14.36 -18.97
CA THR A 197 -9.09 -13.69 -20.27
C THR A 197 -8.24 -12.43 -20.36
N HIS A 198 -7.41 -12.38 -21.39
CA HIS A 198 -6.43 -11.31 -21.53
C HIS A 198 -6.21 -10.98 -23.02
N LYS A 199 -5.82 -9.74 -23.31
CA LYS A 199 -5.67 -9.31 -24.70
C LYS A 199 -4.70 -10.16 -25.54
N THR A 200 -3.74 -10.79 -24.88
CA THR A 200 -2.74 -11.67 -25.52
C THR A 200 -3.28 -12.94 -26.20
N SER A 201 -4.59 -13.18 -26.08
CA SER A 201 -5.22 -14.28 -26.79
C SER A 201 -6.72 -14.09 -26.95
N SER A 202 -7.25 -14.57 -28.07
CA SER A 202 -8.69 -14.58 -28.24
C SER A 202 -9.37 -15.67 -27.40
N THR A 203 -8.64 -16.73 -27.06
CA THR A 203 -9.24 -17.75 -26.16
C THR A 203 -8.68 -17.63 -24.74
N PRO A 204 -9.53 -17.92 -23.73
CA PRO A 204 -9.10 -17.98 -22.31
C PRO A 204 -7.96 -18.96 -22.06
N ILE A 205 -7.06 -18.62 -21.13
CA ILE A 205 -6.17 -19.65 -20.54
C ILE A 205 -6.94 -20.36 -19.43
N VAL A 206 -7.03 -21.68 -19.55
CA VAL A 206 -7.84 -22.50 -18.68
C VAL A 206 -6.96 -23.44 -17.86
N LYS A 207 -7.15 -23.40 -16.54
CA LYS A 207 -6.55 -24.39 -15.64
C LYS A 207 -7.65 -25.06 -14.83
N SER A 208 -7.58 -26.38 -14.72
CA SER A 208 -8.63 -27.15 -14.13
C SER A 208 -8.08 -28.32 -13.31
N PHE A 209 -8.87 -28.81 -12.36
CA PHE A 209 -8.62 -30.11 -11.75
C PHE A 209 -9.94 -30.80 -11.45
N ASN A 210 -9.89 -32.14 -11.42
CA ASN A 210 -11.02 -32.98 -11.07
C ASN A 210 -10.77 -33.65 -9.75
N ARG A 211 -11.78 -33.63 -8.90
CA ARG A 211 -11.75 -34.43 -7.68
C ARG A 211 -11.65 -35.97 -7.88
N ASN A 212 -12.24 -36.50 -8.97
CA ASN A 212 -12.22 -37.93 -9.28
C ASN A 212 -10.90 -38.43 -9.86
N GLU A 213 -9.87 -37.59 -9.76
CA GLU A 213 -8.59 -37.85 -10.41
C GLU A 213 -7.45 -37.81 -9.41
N ASP B 1 21.83 11.48 9.09
CA ASP B 1 20.42 11.40 8.59
C ASP B 1 19.46 11.54 9.76
N VAL B 2 18.35 12.22 9.47
CA VAL B 2 17.19 12.32 10.37
C VAL B 2 16.24 11.18 10.07
N GLN B 3 15.76 10.49 11.13
CA GLN B 3 14.94 9.32 10.94
C GLN B 3 13.72 9.44 11.85
N LEU B 4 12.55 9.09 11.33
CA LEU B 4 11.30 9.13 12.08
C LEU B 4 10.70 7.72 12.04
N GLN B 5 10.16 7.25 13.16
CA GLN B 5 9.46 5.97 13.18
C GLN B 5 8.20 6.03 14.05
N GLU B 6 7.07 5.69 13.44
CA GLU B 6 5.78 5.54 14.12
C GLU B 6 5.71 4.22 14.88
N SER B 7 5.02 4.26 16.01
CA SER B 7 4.66 3.04 16.75
C SER B 7 3.32 3.25 17.41
N GLY B 8 2.62 2.15 17.65
CA GLY B 8 1.30 2.24 18.25
C GLY B 8 0.45 1.03 17.90
N PRO B 9 -0.78 0.99 18.40
CA PRO B 9 -1.73 -0.11 18.13
C PRO B 9 -2.13 -0.24 16.64
N ALA B 10 -2.41 -1.47 16.21
CA ALA B 10 -2.90 -1.80 14.87
C ALA B 10 -4.45 -1.79 14.85
N LEU B 11 -5.05 -1.90 16.04
CA LEU B 11 -6.51 -1.98 16.20
C LEU B 11 -7.02 -1.17 17.38
N VAL B 12 -8.04 -0.35 17.16
CA VAL B 12 -8.66 0.47 18.19
C VAL B 12 -10.16 0.29 18.00
N LYS B 13 -10.89 0.06 19.10
CA LYS B 13 -12.35 -0.01 19.04
C LYS B 13 -13.06 1.33 18.83
N PRO B 14 -14.18 1.34 18.07
CA PRO B 14 -14.93 2.59 17.95
C PRO B 14 -15.24 3.23 19.31
N SER B 15 -15.15 4.56 19.35
CA SER B 15 -15.32 5.38 20.58
C SER B 15 -14.17 5.36 21.59
N GLN B 16 -13.16 4.51 21.35
CA GLN B 16 -11.93 4.52 22.15
C GLN B 16 -10.89 5.53 21.59
N SER B 17 -9.70 5.55 22.15
CA SER B 17 -8.66 6.50 21.70
C SER B 17 -7.58 5.86 20.89
N LEU B 18 -7.18 6.54 19.81
CA LEU B 18 -6.03 6.15 19.01
C LEU B 18 -4.85 6.98 19.48
N SER B 19 -3.77 6.29 19.88
CA SER B 19 -2.57 6.96 20.33
C SER B 19 -1.31 6.40 19.68
N LEU B 20 -0.57 7.26 19.01
CA LEU B 20 0.68 6.86 18.34
C LEU B 20 1.90 7.63 18.85
N THR B 21 3.07 7.03 18.72
CA THR B 21 4.33 7.68 19.07
C THR B 21 5.16 7.82 17.80
N CYS B 22 5.82 8.97 17.63
CA CYS B 22 6.84 9.11 16.59
C CYS B 22 8.18 9.28 17.30
N THR B 23 9.06 8.31 17.13
CA THR B 23 10.42 8.43 17.68
C THR B 23 11.40 9.04 16.68
N VAL B 24 12.01 10.17 17.06
CA VAL B 24 12.91 10.89 16.17
C VAL B 24 14.38 10.67 16.55
N THR B 25 15.19 10.28 15.57
CA THR B 25 16.64 10.20 15.83
C THR B 25 17.45 11.04 14.83
N GLY B 26 18.61 11.54 15.25
CA GLY B 26 19.50 12.29 14.35
C GLY B 26 19.22 13.78 14.23
N TYR B 27 18.17 14.26 14.87
CA TYR B 27 17.87 15.69 14.94
C TYR B 27 16.95 15.92 16.16
N SER B 28 17.17 17.04 16.84
CA SER B 28 16.41 17.32 18.03
C SER B 28 15.10 18.02 17.69
N ILE B 29 13.98 17.55 18.24
CA ILE B 29 12.64 18.14 17.92
C ILE B 29 12.43 19.51 18.59
N THR B 30 13.41 19.97 19.36
CA THR B 30 13.37 21.28 20.02
C THR B 30 14.23 22.31 19.25
N SER B 31 14.96 21.82 18.24
CA SER B 31 15.88 22.68 17.50
C SER B 31 15.20 23.49 16.40
N ASP B 32 14.28 22.90 15.64
CA ASP B 32 13.67 23.63 14.51
C ASP B 32 12.56 22.77 13.97
N TYR B 33 11.75 23.34 13.09
CA TYR B 33 10.78 22.59 12.29
C TYR B 33 9.47 22.32 13.04
N ALA B 34 8.44 21.90 12.30
CA ALA B 34 7.21 21.46 12.93
C ALA B 34 7.09 19.94 12.72
N TRP B 35 6.43 19.19 13.61
CA TRP B 35 6.51 17.73 13.78
C TRP B 35 5.04 17.33 13.65
N ASN B 36 4.75 16.68 12.51
CA ASN B 36 3.36 16.54 11.99
C ASN B 36 2.85 15.13 12.11
N TRP B 37 1.54 15.02 12.23
CA TRP B 37 0.82 13.78 11.91
C TRP B 37 0.00 13.99 10.64
N ILE B 38 0.16 13.04 9.69
CA ILE B 38 -0.60 12.97 8.43
C ILE B 38 -1.17 11.52 8.31
N ARG B 39 -2.35 11.37 7.73
CA ARG B 39 -2.87 10.03 7.47
C ARG B 39 -3.32 9.86 6.01
N GLN B 40 -3.15 8.63 5.53
CA GLN B 40 -3.60 8.24 4.21
C GLN B 40 -4.74 7.21 4.33
N PHE B 41 -5.89 7.57 3.77
CA PHE B 41 -7.07 6.72 3.83
C PHE B 41 -6.96 5.59 2.81
N PRO B 42 -7.70 4.46 3.02
CA PRO B 42 -7.96 3.51 1.98
C PRO B 42 -8.44 4.27 0.73
N GLY B 43 -7.77 4.07 -0.39
CA GLY B 43 -8.11 4.85 -1.57
C GLY B 43 -7.10 5.94 -1.85
N ASN B 44 -6.22 6.22 -0.88
CA ASN B 44 -4.99 7.00 -1.09
C ASN B 44 -5.03 8.48 -0.85
N LYS B 45 -6.20 9.00 -0.52
CA LYS B 45 -6.38 10.39 -0.11
C LYS B 45 -5.59 10.72 1.17
N LEU B 46 -4.91 11.86 1.15
CA LEU B 46 -4.08 12.29 2.25
C LEU B 46 -4.73 13.41 3.04
N GLU B 47 -4.63 13.34 4.37
CA GLU B 47 -5.09 14.42 5.24
C GLU B 47 -4.04 14.81 6.26
N TRP B 48 -3.86 16.12 6.41
CA TRP B 48 -3.02 16.69 7.47
C TRP B 48 -3.82 16.83 8.75
N MET B 49 -3.30 16.20 9.80
CA MET B 49 -3.97 16.18 11.10
C MET B 49 -3.56 17.37 11.97
N GLY B 50 -2.26 17.63 12.05
CA GLY B 50 -1.75 18.71 12.85
C GLY B 50 -0.27 18.59 13.12
N TYR B 51 0.25 19.53 13.90
CA TYR B 51 1.67 19.49 14.26
C TYR B 51 1.87 20.04 15.64
N ILE B 52 3.04 19.72 16.21
CA ILE B 52 3.61 20.42 17.34
C ILE B 52 4.93 21.02 16.82
N SER B 53 5.17 22.32 17.04
CA SER B 53 6.36 23.00 16.54
C SER B 53 7.51 22.67 17.51
N TYR B 54 8.74 22.95 17.06
CA TYR B 54 9.92 22.85 17.89
C TYR B 54 9.78 23.64 19.20
N SER B 55 8.99 24.73 19.18
CA SER B 55 8.75 25.61 20.37
C SER B 55 7.51 25.22 21.17
N ALA B 56 6.95 24.04 20.88
CA ALA B 56 5.77 23.46 21.53
C ALA B 56 4.39 24.05 21.16
N ASN B 57 4.31 24.86 20.11
CA ASN B 57 3.01 25.36 19.66
C ASN B 57 2.32 24.29 18.83
N THR B 58 1.04 24.10 19.10
CA THR B 58 0.26 23.16 18.32
C THR B 58 -0.69 23.83 17.29
N ARG B 59 -0.86 23.15 16.17
CA ARG B 59 -1.85 23.59 15.18
C ARG B 59 -2.57 22.35 14.70
N TYR B 60 -3.90 22.43 14.58
CA TYR B 60 -4.72 21.27 14.27
C TYR B 60 -5.64 21.56 13.10
N ASN B 61 -5.88 20.55 12.28
CA ASN B 61 -6.96 20.61 11.27
C ASN B 61 -8.25 20.86 12.03
N PRO B 62 -9.02 21.91 11.67
CA PRO B 62 -10.34 22.21 12.32
C PRO B 62 -11.29 21.01 12.32
N SER B 63 -11.21 20.12 11.33
CA SER B 63 -12.15 18.99 11.23
C SER B 63 -11.94 18.02 12.39
N LEU B 64 -10.76 18.10 13.04
CA LEU B 64 -10.39 17.18 14.08
C LEU B 64 -10.26 17.84 15.43
N LYS B 65 -10.46 19.16 15.45
CA LYS B 65 -10.20 19.97 16.65
C LYS B 65 -10.77 19.42 17.98
N SER B 66 -12.02 18.96 18.01
CA SER B 66 -12.63 18.50 19.27
C SER B 66 -12.02 17.22 19.86
N ARG B 67 -11.27 16.46 19.04
CA ARG B 67 -10.90 15.07 19.29
C ARG B 67 -9.39 14.83 19.35
N ILE B 68 -8.58 15.81 18.95
CA ILE B 68 -7.14 15.58 18.71
C ILE B 68 -6.26 16.30 19.74
N SER B 69 -5.14 15.67 20.10
CA SER B 69 -4.15 16.37 20.90
C SER B 69 -2.78 15.86 20.40
N ILE B 70 -1.84 16.78 20.21
CA ILE B 70 -0.46 16.44 19.86
C ILE B 70 0.45 16.93 20.95
N THR B 71 1.30 16.03 21.45
CA THR B 71 2.12 16.30 22.61
C THR B 71 3.53 15.79 22.30
N ARG B 72 4.46 15.95 23.24
CA ARG B 72 5.85 15.48 23.04
C ARG B 72 6.53 15.20 24.35
N ASP B 73 7.67 14.51 24.23
CA ASP B 73 8.57 14.25 25.33
C ASP B 73 9.96 14.58 24.86
N THR B 74 10.47 15.74 25.28
CA THR B 74 11.74 16.24 24.81
C THR B 74 12.92 15.40 25.35
N SER B 75 12.75 14.74 26.48
CA SER B 75 13.79 13.85 27.02
C SER B 75 14.06 12.59 26.17
N LYS B 76 13.02 12.13 25.47
CA LYS B 76 13.06 10.93 24.66
C LYS B 76 13.12 11.25 23.19
N ASN B 77 13.02 12.54 22.85
CA ASN B 77 12.93 13.05 21.46
C ASN B 77 11.78 12.37 20.68
N GLN B 78 10.59 12.38 21.29
CA GLN B 78 9.41 11.70 20.76
C GLN B 78 8.27 12.67 20.76
N PHE B 79 7.36 12.55 19.80
CA PHE B 79 6.10 13.30 19.81
C PHE B 79 4.93 12.32 19.54
N PHE B 80 3.72 12.73 19.93
CA PHE B 80 2.63 11.77 20.09
C PHE B 80 1.37 12.31 19.43
N LEU B 81 0.54 11.39 18.96
CA LEU B 81 -0.75 11.74 18.42
C LEU B 81 -1.74 11.12 19.40
N GLN B 82 -2.70 11.92 19.87
CA GLN B 82 -3.88 11.32 20.47
C GLN B 82 -5.17 11.69 19.72
N LEU B 83 -5.92 10.69 19.26
CA LEU B 83 -7.19 10.93 18.57
C LEU B 83 -8.32 10.22 19.32
N ASN B 84 -9.26 11.00 19.88
CA ASN B 84 -10.35 10.45 20.73
C ASN B 84 -11.66 10.14 19.97
N SER B 85 -12.55 9.38 20.61
CA SER B 85 -13.87 9.09 20.05
C SER B 85 -13.80 8.61 18.59
N VAL B 86 -12.96 7.61 18.32
CA VAL B 86 -12.69 7.24 16.92
C VAL B 86 -13.86 6.49 16.32
N THR B 87 -13.99 6.54 15.00
CA THR B 87 -15.01 5.74 14.31
C THR B 87 -14.27 4.96 13.25
N VAL B 88 -14.99 4.04 12.59
CA VAL B 88 -14.48 3.31 11.44
C VAL B 88 -13.91 4.26 10.37
N GLU B 89 -14.41 5.49 10.28
CA GLU B 89 -13.88 6.52 9.39
C GLU B 89 -12.42 6.95 9.69
N ASP B 90 -11.91 6.58 10.85
CA ASP B 90 -10.52 6.87 11.21
C ASP B 90 -9.51 5.77 10.82
N THR B 91 -9.99 4.70 10.18
CA THR B 91 -9.11 3.65 9.63
C THR B 91 -8.23 4.26 8.53
N ALA B 92 -6.92 4.18 8.69
CA ALA B 92 -5.96 4.81 7.77
C ALA B 92 -4.54 4.40 8.10
N THR B 93 -3.62 4.76 7.21
CA THR B 93 -2.19 4.63 7.50
C THR B 93 -1.69 5.98 7.98
N TYR B 94 -1.13 5.96 9.17
CA TYR B 94 -0.67 7.17 9.85
C TYR B 94 0.83 7.33 9.66
N TYR B 95 1.22 8.58 9.34
CA TYR B 95 2.60 9.02 9.13
C TYR B 95 2.98 10.16 10.03
N CYS B 96 4.19 10.12 10.54
CA CYS B 96 4.76 11.33 11.09
C CYS B 96 5.75 11.92 10.07
N ALA B 97 5.85 13.25 10.03
CA ALA B 97 6.69 13.97 9.10
C ALA B 97 7.12 15.29 9.67
N THR B 98 8.26 15.74 9.18
CA THR B 98 8.82 17.01 9.47
C THR B 98 8.46 17.98 8.35
N ALA B 99 7.98 19.14 8.75
CA ALA B 99 7.81 20.29 7.87
C ALA B 99 8.85 21.37 8.19
N GLY B 100 9.62 21.75 7.19
CA GLY B 100 10.53 22.88 7.40
C GLY B 100 10.60 23.63 6.10
N ARG B 101 11.45 23.12 5.21
CA ARG B 101 11.41 23.49 3.78
C ARG B 101 10.74 22.34 3.05
N GLY B 102 9.42 22.44 2.90
CA GLY B 102 8.62 21.33 2.43
C GLY B 102 8.57 20.27 3.52
N PHE B 103 8.44 18.99 3.10
CA PHE B 103 8.33 17.82 3.94
C PHE B 103 9.50 16.82 3.69
N PRO B 104 10.73 17.15 4.15
CA PRO B 104 11.91 16.28 3.83
C PRO B 104 12.04 14.94 4.55
N TYR B 105 11.39 14.79 5.69
CA TYR B 105 11.57 13.58 6.49
C TYR B 105 10.23 12.98 6.87
N TRP B 106 10.12 11.66 6.71
CA TRP B 106 8.87 10.90 6.89
C TRP B 106 9.18 9.59 7.59
N GLY B 107 8.32 9.21 8.52
CA GLY B 107 8.32 7.84 9.05
C GLY B 107 7.85 6.85 7.99
N GLN B 108 7.83 5.57 8.34
CA GLN B 108 7.48 4.51 7.38
C GLN B 108 5.97 4.36 7.18
N GLY B 109 5.18 4.94 8.08
CA GLY B 109 3.72 4.75 8.08
C GLY B 109 3.34 3.54 8.89
N THR B 110 2.20 3.63 9.56
CA THR B 110 1.66 2.50 10.32
C THR B 110 0.13 2.42 10.14
N LEU B 111 -0.37 1.24 9.75
CA LEU B 111 -1.81 1.01 9.59
C LEU B 111 -2.51 0.93 10.93
N VAL B 112 -3.59 1.71 11.07
CA VAL B 112 -4.49 1.59 12.25
C VAL B 112 -5.89 1.32 11.73
N THR B 113 -6.45 0.20 12.15
CA THR B 113 -7.84 -0.11 11.87
C THR B 113 -8.71 0.23 13.09
N VAL B 114 -9.80 0.94 12.84
CA VAL B 114 -10.82 1.13 13.82
C VAL B 114 -12.05 0.22 13.51
N SER B 115 -12.35 -0.72 14.42
CA SER B 115 -13.40 -1.74 14.21
C SER B 115 -13.70 -2.37 15.53
N ALA B 116 -14.97 -2.81 15.69
CA ALA B 116 -15.44 -3.55 16.85
C ALA B 116 -15.23 -5.07 16.65
N ALA B 117 -14.72 -5.46 15.49
CA ALA B 117 -14.46 -6.89 15.19
C ALA B 117 -13.40 -7.57 16.09
N LYS B 118 -13.57 -8.87 16.32
CA LYS B 118 -12.73 -9.65 17.23
C LYS B 118 -11.33 -9.99 16.61
N THR B 119 -10.27 -9.83 17.40
CA THR B 119 -8.93 -10.22 16.97
C THR B 119 -8.97 -11.72 16.83
N THR B 120 -8.53 -12.21 15.68
CA THR B 120 -8.63 -13.62 15.31
C THR B 120 -7.31 -14.05 14.62
N ALA B 121 -6.76 -15.18 15.07
CA ALA B 121 -5.48 -15.68 14.56
C ALA B 121 -5.69 -16.36 13.19
N PRO B 122 -4.72 -16.24 12.28
CA PRO B 122 -4.94 -16.85 10.98
C PRO B 122 -4.82 -18.36 10.95
N SER B 123 -5.50 -18.95 9.97
CA SER B 123 -5.19 -20.28 9.49
C SER B 123 -4.27 -20.20 8.27
N VAL B 124 -3.19 -20.98 8.27
CA VAL B 124 -2.18 -20.93 7.19
C VAL B 124 -2.22 -22.27 6.44
N TYR B 125 -2.70 -22.23 5.20
CA TYR B 125 -2.86 -23.43 4.38
C TYR B 125 -1.83 -23.53 3.25
N PRO B 126 -1.26 -24.73 3.03
CA PRO B 126 -0.32 -24.99 1.92
C PRO B 126 -1.02 -25.04 0.57
N LEU B 127 -0.37 -24.46 -0.44
CA LEU B 127 -0.87 -24.56 -1.84
C LEU B 127 0.12 -25.35 -2.65
N ALA B 128 -0.27 -26.57 -3.01
CA ALA B 128 0.62 -27.51 -3.70
C ALA B 128 -0.12 -28.02 -4.93
N PRO B 129 0.60 -28.20 -6.08
CA PRO B 129 -0.07 -28.57 -7.35
C PRO B 129 -0.75 -29.93 -7.27
N VAL B 130 -1.82 -30.15 -8.04
CA VAL B 130 -2.60 -31.39 -7.92
C VAL B 130 -1.83 -32.63 -8.39
N SER B 137 9.53 -26.95 -16.85
CA SER B 137 10.47 -25.85 -16.72
C SER B 137 10.40 -25.19 -15.33
N SER B 138 9.20 -24.79 -14.91
CA SER B 138 8.99 -24.16 -13.61
C SER B 138 7.77 -24.74 -12.86
N VAL B 139 7.78 -24.60 -11.54
CA VAL B 139 6.64 -25.02 -10.70
C VAL B 139 6.25 -23.87 -9.77
N THR B 140 4.93 -23.65 -9.61
CA THR B 140 4.44 -22.65 -8.66
C THR B 140 3.80 -23.32 -7.41
N LEU B 141 4.14 -22.78 -6.23
CA LEU B 141 3.57 -23.17 -4.95
C LEU B 141 2.98 -21.91 -4.28
N GLY B 142 2.31 -22.07 -3.15
CA GLY B 142 1.76 -20.90 -2.46
C GLY B 142 1.31 -21.19 -1.04
N CYS B 143 0.86 -20.13 -0.39
CA CYS B 143 0.33 -20.19 0.94
C CYS B 143 -0.91 -19.33 0.99
N LEU B 144 -1.93 -19.84 1.66
CA LEU B 144 -3.21 -19.14 1.85
C LEU B 144 -3.37 -18.86 3.33
N VAL B 145 -3.45 -17.59 3.68
CA VAL B 145 -3.58 -17.18 5.06
C VAL B 145 -5.00 -16.65 5.18
N LYS B 146 -5.81 -17.39 5.92
CA LYS B 146 -7.25 -17.14 5.96
C LYS B 146 -7.80 -16.94 7.37
N GLY B 147 -8.78 -16.07 7.51
CA GLY B 147 -9.57 -16.05 8.72
C GLY B 147 -8.97 -15.21 9.83
N TYR B 148 -8.16 -14.20 9.49
CA TYR B 148 -7.55 -13.41 10.54
C TYR B 148 -8.07 -11.99 10.62
N PHE B 149 -7.80 -11.35 11.75
CA PHE B 149 -8.12 -9.95 11.95
C PHE B 149 -7.33 -9.41 13.16
N PRO B 150 -6.77 -8.18 13.07
CA PRO B 150 -6.74 -7.19 12.00
C PRO B 150 -5.54 -7.42 11.10
N GLU B 151 -5.41 -6.60 10.07
CA GLU B 151 -4.14 -6.42 9.37
C GLU B 151 -3.18 -5.73 10.33
N PRO B 152 -1.85 -5.86 10.12
CA PRO B 152 -1.13 -6.60 9.08
C PRO B 152 -0.71 -8.04 9.43
N VAL B 153 -0.39 -8.83 8.40
CA VAL B 153 0.39 -10.05 8.57
C VAL B 153 1.72 -9.83 7.82
N THR B 154 2.78 -10.53 8.20
CA THR B 154 4.01 -10.55 7.42
C THR B 154 4.17 -11.97 6.92
N LEU B 155 4.66 -12.11 5.71
CA LEU B 155 4.85 -13.43 5.09
C LEU B 155 6.18 -13.47 4.36
N THR B 156 7.00 -14.49 4.64
CA THR B 156 8.23 -14.72 3.88
C THR B 156 8.31 -16.18 3.43
N TRP B 157 9.22 -16.46 2.51
CA TRP B 157 9.49 -17.83 2.13
C TRP B 157 10.93 -18.22 2.49
N ASN B 158 11.11 -19.44 3.01
CA ASN B 158 12.44 -19.92 3.42
C ASN B 158 13.18 -18.89 4.28
N SER B 159 12.41 -18.25 5.15
CA SER B 159 12.92 -17.32 6.16
C SER B 159 13.53 -16.07 5.54
N GLY B 160 13.04 -15.68 4.36
CA GLY B 160 13.59 -14.52 3.67
C GLY B 160 14.61 -14.84 2.61
N SER B 161 15.09 -16.08 2.59
CA SER B 161 16.15 -16.52 1.66
C SER B 161 15.66 -16.68 0.22
N LEU B 162 14.36 -16.83 0.07
CA LEU B 162 13.75 -16.98 -1.23
C LEU B 162 12.84 -15.78 -1.45
N SER B 163 13.28 -14.88 -2.32
CA SER B 163 12.53 -13.65 -2.53
C SER B 163 12.21 -13.46 -4.00
N SER B 164 13.02 -14.01 -4.91
CA SER B 164 12.72 -13.84 -6.32
C SER B 164 11.65 -14.88 -6.75
N GLY B 165 10.83 -14.48 -7.71
CA GLY B 165 9.70 -15.27 -8.14
C GLY B 165 8.54 -15.38 -7.16
N VAL B 166 8.48 -14.45 -6.19
CA VAL B 166 7.44 -14.41 -5.16
C VAL B 166 6.41 -13.31 -5.47
N HIS B 167 5.13 -13.59 -5.32
CA HIS B 167 4.11 -12.51 -5.35
C HIS B 167 3.24 -12.64 -4.11
N THR B 168 3.26 -11.64 -3.24
CA THR B 168 2.40 -11.63 -2.09
C THR B 168 1.35 -10.57 -2.36
N PHE B 169 0.09 -11.00 -2.35
CA PHE B 169 -1.05 -10.19 -2.79
C PHE B 169 -1.65 -9.44 -1.63
N PRO B 170 -2.23 -8.24 -1.88
CA PRO B 170 -2.86 -7.47 -0.79
C PRO B 170 -3.99 -8.27 -0.16
N ALA B 171 -4.13 -8.16 1.15
CA ALA B 171 -5.16 -8.91 1.88
C ALA B 171 -6.56 -8.39 1.52
N VAL B 172 -7.55 -9.28 1.52
CA VAL B 172 -8.94 -8.90 1.22
C VAL B 172 -9.81 -9.13 2.44
N LEU B 173 -10.56 -8.09 2.82
CA LEU B 173 -11.49 -8.21 3.94
C LEU B 173 -12.88 -8.62 3.47
N GLN B 174 -13.43 -9.65 4.09
CA GLN B 174 -14.82 -10.10 3.84
C GLN B 174 -15.43 -10.60 5.16
N SER B 175 -16.57 -10.06 5.55
CA SER B 175 -17.22 -10.47 6.80
C SER B 175 -16.29 -10.39 8.02
N ASP B 176 -15.57 -9.27 8.15
CA ASP B 176 -14.65 -9.00 9.27
C ASP B 176 -13.49 -9.99 9.42
N LEU B 177 -13.18 -10.73 8.36
CA LEU B 177 -11.97 -11.58 8.33
C LEU B 177 -11.19 -11.41 7.05
N TYR B 178 -9.86 -11.42 7.15
CA TYR B 178 -8.98 -11.25 6.00
C TYR B 178 -8.54 -12.56 5.39
N THR B 179 -8.27 -12.51 4.09
CA THR B 179 -7.62 -13.57 3.32
C THR B 179 -6.43 -12.94 2.63
N LEU B 180 -5.29 -13.61 2.70
CA LEU B 180 -4.09 -13.18 1.99
C LEU B 180 -3.46 -14.40 1.35
N SER B 181 -2.95 -14.25 0.13
CA SER B 181 -2.19 -15.33 -0.49
C SER B 181 -0.83 -14.86 -1.03
N SER B 182 0.08 -15.82 -1.20
CA SER B 182 1.40 -15.57 -1.79
C SER B 182 1.78 -16.76 -2.67
N SER B 183 2.27 -16.52 -3.86
CA SER B 183 2.75 -17.58 -4.75
C SER B 183 4.28 -17.47 -4.81
N VAL B 184 4.94 -18.58 -5.09
CA VAL B 184 6.36 -18.57 -5.33
C VAL B 184 6.59 -19.56 -6.45
N THR B 185 7.34 -19.11 -7.45
CA THR B 185 7.66 -19.88 -8.63
C THR B 185 9.14 -20.21 -8.69
N VAL B 186 9.43 -21.50 -8.88
CA VAL B 186 10.82 -22.02 -8.87
C VAL B 186 11.00 -22.97 -10.04
N THR B 187 12.26 -23.30 -10.36
CA THR B 187 12.52 -24.15 -11.52
C THR B 187 12.15 -25.58 -11.10
N SER B 188 11.71 -26.40 -12.05
CA SER B 188 11.27 -27.77 -11.80
C SER B 188 12.35 -28.67 -11.24
N SER B 189 11.92 -29.60 -10.40
CA SER B 189 12.76 -30.60 -9.76
C SER B 189 13.65 -30.04 -8.67
N THR B 190 13.34 -28.83 -8.19
CA THR B 190 14.02 -28.28 -6.99
C THR B 190 13.26 -28.73 -5.73
N TRP B 191 12.12 -28.09 -5.45
CA TRP B 191 11.09 -28.65 -4.60
C TRP B 191 10.59 -30.03 -5.16
N PRO B 192 10.29 -31.03 -4.30
CA PRO B 192 10.34 -30.98 -2.85
C PRO B 192 11.69 -31.34 -2.19
N SER B 193 12.70 -31.79 -2.92
CA SER B 193 14.00 -32.11 -2.29
C SER B 193 14.56 -30.89 -1.59
N GLN B 194 14.50 -29.74 -2.24
CA GLN B 194 14.78 -28.47 -1.60
C GLN B 194 13.46 -27.95 -1.07
N SER B 195 13.32 -27.88 0.25
CA SER B 195 12.06 -27.50 0.87
C SER B 195 11.64 -26.03 0.59
N ILE B 196 10.33 -25.80 0.57
CA ILE B 196 9.76 -24.49 0.47
C ILE B 196 8.80 -24.35 1.64
N THR B 197 9.00 -23.31 2.46
CA THR B 197 8.25 -23.12 3.70
C THR B 197 7.78 -21.67 3.73
N CYS B 198 6.49 -21.46 3.92
CA CYS B 198 6.03 -20.13 4.16
C CYS B 198 6.00 -19.79 5.65
N ASN B 199 6.59 -18.64 5.99
CA ASN B 199 6.66 -18.18 7.38
C ASN B 199 5.70 -16.99 7.57
N VAL B 200 4.73 -17.17 8.46
CA VAL B 200 3.63 -16.21 8.61
C VAL B 200 3.63 -15.68 10.04
N ALA B 201 3.66 -14.36 10.16
CA ALA B 201 3.52 -13.72 11.45
C ALA B 201 2.27 -12.84 11.45
N HIS B 202 1.48 -12.99 12.50
CA HIS B 202 0.37 -12.10 12.84
C HIS B 202 0.60 -11.55 14.23
N PRO B 203 1.36 -10.44 14.34
CA PRO B 203 1.67 -9.83 15.65
C PRO B 203 0.44 -9.59 16.58
N ALA B 204 -0.68 -9.13 16.01
CA ALA B 204 -1.87 -8.80 16.80
C ALA B 204 -2.47 -9.98 17.62
N SER B 205 -2.27 -11.21 17.17
CA SER B 205 -2.71 -12.37 17.93
C SER B 205 -1.48 -13.15 18.41
N SER B 206 -0.32 -12.50 18.37
CA SER B 206 0.97 -13.12 18.67
C SER B 206 1.14 -14.51 18.01
N THR B 207 0.82 -14.60 16.72
CA THR B 207 0.85 -15.85 15.98
C THR B 207 2.09 -15.92 15.10
N LYS B 208 2.69 -17.10 15.04
CA LYS B 208 3.79 -17.40 14.14
C LYS B 208 3.72 -18.86 13.71
N VAL B 209 3.67 -19.07 12.40
CA VAL B 209 3.44 -20.36 11.83
C VAL B 209 4.40 -20.48 10.67
N ASP B 210 5.04 -21.64 10.58
CA ASP B 210 5.84 -22.01 9.43
C ASP B 210 5.13 -23.19 8.80
N LYS B 211 4.71 -23.03 7.57
CA LYS B 211 4.02 -24.09 6.87
C LYS B 211 4.90 -24.62 5.73
N LYS B 212 5.49 -25.81 5.96
CA LYS B 212 6.30 -26.48 4.96
C LYS B 212 5.39 -27.04 3.86
N ILE B 213 5.65 -26.73 2.59
CA ILE B 213 4.75 -27.18 1.48
C ILE B 213 5.11 -28.62 1.11
N GLU B 214 4.17 -29.56 1.36
CA GLU B 214 4.41 -30.97 1.03
C GLU B 214 3.79 -31.32 -0.33
N PRO B 215 4.43 -32.23 -1.10
CA PRO B 215 3.73 -32.67 -2.32
C PRO B 215 2.42 -33.38 -2.00
N ARG B 216 1.45 -33.29 -2.90
CA ARG B 216 0.15 -33.90 -2.64
C ARG B 216 0.15 -35.40 -2.88
N CYS C 1 10.31 32.23 -3.63
CA CYS C 1 9.07 33.04 -3.43
C CYS C 1 8.96 34.13 -4.50
N GLY C 2 7.74 34.38 -4.99
CA GLY C 2 7.50 35.36 -6.05
C GLY C 2 7.97 36.78 -5.71
N ALA C 3 8.06 37.63 -6.74
CA ALA C 3 8.66 38.97 -6.58
C ALA C 3 7.85 39.86 -5.63
N ASP C 4 6.68 39.38 -5.23
CA ASP C 4 5.81 40.10 -4.31
C ASP C 4 5.97 39.59 -2.86
N SER C 5 6.91 38.67 -2.66
CA SER C 5 7.02 37.90 -1.43
C SER C 5 8.44 37.77 -0.91
N TYR C 6 8.57 37.33 0.35
CA TYR C 6 9.84 36.82 0.86
C TYR C 6 9.62 35.57 1.70
N GLU C 7 10.62 34.70 1.80
CA GLU C 7 10.50 33.53 2.68
C GLU C 7 10.50 33.92 4.16
N MET C 8 9.47 33.49 4.87
CA MET C 8 9.40 33.73 6.31
C MET C 8 9.37 32.40 7.06
N GLU C 9 9.50 32.45 8.38
CA GLU C 9 9.44 31.23 9.15
C GLU C 9 8.36 31.40 10.21
N GLU C 10 7.46 30.43 10.27
CA GLU C 10 6.39 30.40 11.29
C GLU C 10 6.43 29.01 11.94
N ASP C 11 6.72 28.92 13.24
CA ASP C 11 6.69 27.62 13.96
C ASP C 11 7.71 26.64 13.44
N GLY C 12 8.79 27.16 12.85
CA GLY C 12 9.82 26.30 12.29
C GLY C 12 9.55 25.98 10.81
N VAL C 13 8.42 26.44 10.26
CA VAL C 13 8.08 26.16 8.85
C VAL C 13 8.36 27.38 8.00
N ARG C 14 9.15 27.19 6.95
CA ARG C 14 9.43 28.29 6.00
C ARG C 14 8.28 28.37 5.01
N LYS C 15 7.90 29.60 4.67
CA LYS C 15 6.70 29.84 3.84
C LYS C 15 6.97 31.09 3.10
N CYS C 16 6.39 31.21 1.91
CA CYS C 16 6.48 32.43 1.10
C CYS C 16 5.44 33.43 1.55
#